data_9ICZ
#
_entry.id   9ICZ
#
_cell.length_a   152.960
_cell.length_b   212.990
_cell.length_c   48.230
_cell.angle_alpha   90.000
_cell.angle_beta   90.000
_cell.angle_gamma   90.000
#
_symmetry.space_group_name_H-M   'C 2 2 21'
#
loop_
_entity.id
_entity.type
_entity.pdbx_description
1 polymer 'S-adenosylmethionine (SAM)-dependent methyltransferase'
2 non-polymer 'UNKNOWN LIGAND'
3 non-polymer 'SULFATE ION'
4 non-polymer S-ADENOSYL-L-HOMOCYSTEINE
5 water water
#
_entity_poly.entity_id   1
_entity_poly.type   'polypeptide(L)'
_entity_poly.pdbx_seq_one_letter_code
;MGHMTVDVPVSSDPYANLAASYDRLVDWVISEQEETPRERMGDYIESFWRDQPRPVHKVLEICCGTGLMLGDLQRRGYQV
SGLDRSAAMLEQARNRLGTGVELVRAELPEIPLHAGFDAVISAANGLTYLPGTGFGETLAAVARLLPPGGTFVFDLYGHG
FFERFYDSAEPRVLAVELEDVSYIWTFTAPPSRAHFDVVHSQFLRTPDAEAGTYTRTRELHRFHEHTHTSVRRLAAEAGF
SSAEVHDNWTSRPSTPESMYDTWTLTRGVLEHHHHHH
;
_entity_poly.pdbx_strand_id   A,B
#
# COMPACT_ATOMS: atom_id res chain seq x y z
N MET A 4 7.25 1.68 14.57
CA MET A 4 7.32 2.87 15.41
C MET A 4 6.94 4.14 14.62
N THR A 5 6.08 4.96 15.22
CA THR A 5 5.66 6.21 14.59
C THR A 5 6.81 7.22 14.49
N VAL A 6 7.82 7.11 15.36
CA VAL A 6 8.97 8.00 15.27
C VAL A 6 9.75 7.74 13.99
N ASP A 7 10.53 8.74 13.58
CA ASP A 7 11.22 8.67 12.30
C ASP A 7 12.29 7.60 12.31
N VAL A 8 12.46 6.95 11.15
CA VAL A 8 13.54 6.00 10.93
C VAL A 8 14.77 6.79 10.48
N PRO A 9 15.89 6.70 11.18
CA PRO A 9 17.09 7.46 10.76
C PRO A 9 17.70 6.88 9.50
N VAL A 10 18.50 7.70 8.83
CA VAL A 10 19.27 7.27 7.67
C VAL A 10 20.44 6.43 8.15
N SER A 11 20.55 5.19 7.68
CA SER A 11 21.68 4.35 8.02
C SER A 11 22.84 4.68 7.08
N SER A 12 24.05 4.28 7.50
N SER A 12 24.05 4.28 7.51
CA SER A 12 25.20 4.44 6.64
CA SER A 12 25.21 4.44 6.63
C SER A 12 25.05 3.62 5.37
C SER A 12 25.05 3.62 5.37
N ASP A 13 24.43 2.44 5.48
CA ASP A 13 24.20 1.57 4.33
C ASP A 13 22.74 1.13 4.33
N PRO A 14 21.87 1.86 3.64
CA PRO A 14 20.46 1.43 3.56
C PRO A 14 20.25 0.14 2.78
N TYR A 15 21.25 -0.36 2.06
CA TYR A 15 21.11 -1.62 1.34
C TYR A 15 21.62 -2.83 2.13
N ALA A 16 22.11 -2.62 3.36
CA ALA A 16 22.71 -3.74 4.09
C ALA A 16 21.72 -4.87 4.32
N ASN A 17 20.47 -4.53 4.67
CA ASN A 17 19.46 -5.56 4.88
C ASN A 17 18.80 -6.02 3.58
N LEU A 18 18.94 -5.27 2.49
CA LEU A 18 18.27 -5.62 1.24
C LEU A 18 19.13 -6.47 0.32
N ALA A 19 20.45 -6.47 0.51
CA ALA A 19 21.33 -7.06 -0.50
C ALA A 19 20.96 -8.51 -0.80
N ALA A 20 20.55 -9.27 0.22
CA ALA A 20 20.31 -10.69 0.01
C ALA A 20 19.06 -10.95 -0.82
N SER A 21 18.09 -10.03 -0.81
CA SER A 21 16.86 -10.20 -1.58
C SER A 21 16.74 -9.20 -2.72
N TYR A 22 17.79 -8.41 -2.97
CA TYR A 22 17.72 -7.32 -3.95
C TYR A 22 17.43 -7.82 -5.35
N ASP A 23 18.13 -8.86 -5.81
CA ASP A 23 17.97 -9.30 -7.18
C ASP A 23 16.54 -9.73 -7.47
N ARG A 24 15.92 -10.44 -6.52
N ARG A 24 15.89 -10.41 -6.52
N ARG A 24 15.90 -10.44 -6.53
CA ARG A 24 14.53 -10.84 -6.69
CA ARG A 24 14.51 -10.82 -6.78
CA ARG A 24 14.52 -10.84 -6.72
C ARG A 24 13.60 -9.62 -6.71
C ARG A 24 13.55 -9.64 -6.66
C ARG A 24 13.59 -9.63 -6.69
N LEU A 25 13.90 -8.62 -5.88
CA LEU A 25 13.09 -7.40 -5.88
C LEU A 25 13.20 -6.68 -7.23
N VAL A 26 14.40 -6.63 -7.79
CA VAL A 26 14.59 -6.04 -9.11
C VAL A 26 13.69 -6.72 -10.14
N ASP A 27 13.57 -8.05 -10.07
CA ASP A 27 12.66 -8.74 -10.98
C ASP A 27 11.25 -8.19 -10.87
N TRP A 28 10.81 -7.84 -9.65
CA TRP A 28 9.46 -7.33 -9.47
C TRP A 28 9.33 -5.91 -9.98
N VAL A 29 10.32 -5.06 -9.73
N VAL A 29 10.32 -5.05 -9.74
CA VAL A 29 10.27 -3.67 -10.18
CA VAL A 29 10.18 -3.67 -10.20
C VAL A 29 10.28 -3.61 -11.69
C VAL A 29 10.31 -3.58 -11.71
N ILE A 30 10.98 -4.55 -12.35
CA ILE A 30 10.96 -4.60 -13.80
C ILE A 30 9.57 -5.02 -14.30
N SER A 31 8.96 -5.99 -13.63
N SER A 31 8.95 -5.98 -13.61
CA SER A 31 7.69 -6.51 -14.14
CA SER A 31 7.65 -6.45 -14.05
C SER A 31 6.49 -5.67 -13.74
C SER A 31 6.57 -5.38 -13.85
N GLU A 32 6.65 -4.70 -12.85
N GLU A 32 6.53 -4.75 -12.69
CA GLU A 32 5.50 -3.98 -12.30
CA GLU A 32 5.39 -3.95 -12.29
C GLU A 32 5.68 -2.47 -12.30
C GLU A 32 5.66 -2.45 -12.12
N GLN A 33 6.91 -1.99 -12.16
CA GLN A 33 7.21 -0.58 -11.93
C GLN A 33 8.12 0.02 -13.00
N GLU A 34 8.12 -0.57 -14.20
CA GLU A 34 8.71 0.03 -15.41
C GLU A 34 10.22 0.17 -15.37
N GLU A 35 10.90 -0.41 -14.38
CA GLU A 35 12.36 -0.38 -14.43
C GLU A 35 12.86 -1.17 -15.63
N THR A 36 13.89 -0.67 -16.28
CA THR A 36 14.34 -1.26 -17.53
C THR A 36 15.23 -2.47 -17.25
N PRO A 37 15.02 -3.61 -17.93
CA PRO A 37 15.94 -4.74 -17.77
C PRO A 37 17.37 -4.35 -18.07
N ARG A 38 18.31 -4.96 -17.34
CA ARG A 38 19.72 -4.62 -17.56
C ARG A 38 20.16 -4.92 -18.99
N GLU A 39 19.57 -5.93 -19.63
CA GLU A 39 19.95 -6.20 -21.02
C GLU A 39 19.61 -5.04 -21.95
N ARG A 40 18.44 -4.42 -21.74
N ARG A 40 18.43 -4.42 -21.75
CA ARG A 40 18.08 -3.28 -22.59
CA ARG A 40 18.11 -3.27 -22.60
C ARG A 40 18.89 -2.04 -22.22
C ARG A 40 18.96 -2.06 -22.24
N MET A 41 19.26 -1.87 -20.95
CA MET A 41 20.17 -0.80 -20.57
C MET A 41 21.52 -1.00 -21.27
N GLY A 42 22.04 -2.23 -21.23
CA GLY A 42 23.27 -2.53 -21.93
C GLY A 42 23.20 -2.29 -23.43
N ASP A 43 22.07 -2.64 -24.05
CA ASP A 43 21.91 -2.39 -25.49
C ASP A 43 22.01 -0.90 -25.78
N TYR A 44 21.34 -0.08 -24.96
CA TYR A 44 21.36 1.37 -25.12
C TYR A 44 22.77 1.91 -24.95
N ILE A 45 23.46 1.44 -23.91
CA ILE A 45 24.84 1.88 -23.65
C ILE A 45 25.75 1.51 -24.82
N GLU A 46 25.70 0.25 -25.27
CA GLU A 46 26.53 -0.17 -26.40
C GLU A 46 26.24 0.63 -27.67
N SER A 47 24.96 0.90 -27.94
CA SER A 47 24.60 1.69 -29.11
C SER A 47 25.22 3.08 -29.03
N PHE A 48 25.20 3.70 -27.85
CA PHE A 48 25.82 5.01 -27.67
C PHE A 48 27.33 4.91 -27.87
N TRP A 49 27.97 3.91 -27.25
CA TRP A 49 29.40 3.72 -27.40
C TRP A 49 29.80 3.54 -28.87
N ARG A 50 29.00 2.79 -29.63
CA ARG A 50 29.35 2.55 -31.03
C ARG A 50 29.29 3.82 -31.87
N ASP A 51 28.66 4.89 -31.38
CA ASP A 51 28.67 6.15 -32.09
C ASP A 51 29.88 7.00 -31.77
N GLN A 52 30.72 6.57 -30.83
CA GLN A 52 31.88 7.36 -30.41
C GLN A 52 33.13 6.89 -31.15
N PRO A 53 34.03 7.82 -31.47
CA PRO A 53 35.21 7.43 -32.28
C PRO A 53 36.20 6.56 -31.53
N ARG A 54 36.31 6.70 -30.23
N ARG A 54 36.31 6.70 -30.21
CA ARG A 54 37.28 5.87 -29.51
CA ARG A 54 37.27 5.89 -29.47
C ARG A 54 36.61 4.59 -29.01
C ARG A 54 36.59 4.62 -28.96
N PRO A 55 37.23 3.42 -29.18
N PRO A 55 37.16 3.44 -29.23
CA PRO A 55 36.60 2.18 -28.72
CA PRO A 55 36.54 2.20 -28.74
C PRO A 55 36.58 2.10 -27.20
C PRO A 55 36.57 2.10 -27.22
N VAL A 56 35.58 1.40 -26.69
CA VAL A 56 35.41 1.21 -25.24
C VAL A 56 35.81 -0.21 -24.90
N HIS A 57 36.73 -0.35 -23.94
N HIS A 57 36.81 -0.34 -24.03
CA HIS A 57 37.06 -1.67 -23.41
CA HIS A 57 37.25 -1.65 -23.54
C HIS A 57 36.97 -1.68 -21.88
C HIS A 57 37.11 -1.77 -22.03
N LYS A 58 37.69 -0.78 -21.21
N LYS A 58 37.55 -0.76 -21.28
CA LYS A 58 37.64 -0.68 -19.75
CA LYS A 58 37.57 -0.78 -19.83
C LYS A 58 36.41 0.10 -19.34
C LYS A 58 36.45 0.09 -19.29
N VAL A 59 35.55 -0.51 -18.51
CA VAL A 59 34.33 0.14 -18.06
C VAL A 59 34.24 0.06 -16.53
N LEU A 60 33.98 1.19 -15.90
CA LEU A 60 33.66 1.26 -14.47
C LEU A 60 32.16 1.51 -14.29
N GLU A 61 31.51 0.72 -13.45
CA GLU A 61 30.18 1.12 -12.98
C GLU A 61 30.27 1.58 -11.54
N ILE A 62 29.81 2.82 -11.28
CA ILE A 62 29.69 3.30 -9.91
C ILE A 62 28.26 3.02 -9.42
N CYS A 63 28.12 2.77 -8.12
CA CYS A 63 26.86 2.22 -7.58
C CYS A 63 26.52 0.89 -8.25
N CYS A 64 27.51 0.00 -8.35
CA CYS A 64 27.32 -1.26 -9.07
C CYS A 64 26.44 -2.26 -8.31
N GLY A 65 26.16 -2.02 -7.03
CA GLY A 65 25.22 -2.90 -6.33
C GLY A 65 25.68 -4.35 -6.34
N THR A 66 24.75 -5.25 -6.64
CA THR A 66 25.02 -6.68 -6.71
C THR A 66 25.59 -7.10 -8.06
N GLY A 67 25.88 -6.14 -8.94
CA GLY A 67 26.54 -6.45 -10.20
C GLY A 67 25.63 -6.88 -11.33
N LEU A 68 24.33 -6.58 -11.27
CA LEU A 68 23.42 -6.99 -12.35
C LEU A 68 23.81 -6.33 -13.66
N MET A 69 24.12 -5.02 -13.62
CA MET A 69 24.55 -4.34 -14.84
C MET A 69 25.96 -4.77 -15.23
N LEU A 70 26.87 -4.89 -14.27
CA LEU A 70 28.23 -5.29 -14.60
C LEU A 70 28.28 -6.70 -15.17
N GLY A 71 27.42 -7.59 -14.69
CA GLY A 71 27.41 -8.95 -15.20
C GLY A 71 26.99 -8.99 -16.66
N ASP A 72 26.03 -8.15 -17.02
CA ASP A 72 25.63 -8.03 -18.42
C ASP A 72 26.79 -7.54 -19.27
N LEU A 73 27.52 -6.52 -18.81
CA LEU A 73 28.64 -6.05 -19.61
C LEU A 73 29.79 -7.06 -19.65
N GLN A 74 30.03 -7.77 -18.53
CA GLN A 74 31.03 -8.84 -18.53
C GLN A 74 30.72 -9.88 -19.61
N ARG A 75 29.44 -10.26 -19.76
N ARG A 75 29.43 -10.26 -19.70
CA ARG A 75 29.11 -11.26 -20.76
CA ARG A 75 28.97 -11.18 -20.74
C ARG A 75 29.23 -10.73 -22.18
C ARG A 75 29.36 -10.71 -22.13
N ARG A 76 29.24 -9.41 -22.37
CA ARG A 76 29.48 -8.85 -23.70
C ARG A 76 30.96 -8.71 -24.02
N GLY A 77 31.83 -8.91 -23.04
CA GLY A 77 33.26 -8.98 -23.28
C GLY A 77 34.06 -7.81 -22.77
N TYR A 78 33.46 -6.89 -22.02
CA TYR A 78 34.17 -5.72 -21.54
C TYR A 78 34.99 -6.07 -20.31
N GLN A 79 36.05 -5.28 -20.09
N GLN A 79 36.05 -5.29 -20.09
CA GLN A 79 36.85 -5.39 -18.87
CA GLN A 79 36.85 -5.37 -18.88
C GLN A 79 36.21 -4.49 -17.82
C GLN A 79 36.19 -4.48 -17.83
N VAL A 80 35.55 -5.09 -16.83
CA VAL A 80 34.65 -4.35 -15.94
C VAL A 80 35.29 -4.18 -14.56
N SER A 81 34.92 -3.06 -13.93
CA SER A 81 35.23 -2.76 -12.53
C SER A 81 34.00 -2.13 -11.89
N GLY A 82 33.87 -2.27 -10.58
CA GLY A 82 32.72 -1.74 -9.88
C GLY A 82 33.08 -1.00 -8.61
N LEU A 83 32.22 -0.05 -8.24
CA LEU A 83 32.36 0.69 -7.00
C LEU A 83 30.99 0.76 -6.35
N ASP A 84 30.93 0.51 -5.05
CA ASP A 84 29.69 0.68 -4.29
C ASP A 84 30.05 0.96 -2.85
N ARG A 85 29.17 1.66 -2.13
CA ARG A 85 29.47 1.89 -0.73
C ARG A 85 29.07 0.71 0.16
N SER A 86 28.29 -0.24 -0.34
CA SER A 86 27.71 -1.29 0.49
C SER A 86 28.55 -2.56 0.39
N ALA A 87 29.19 -2.94 1.50
CA ALA A 87 29.88 -4.23 1.53
C ALA A 87 28.92 -5.37 1.22
N ALA A 88 27.68 -5.28 1.73
CA ALA A 88 26.71 -6.35 1.53
C ALA A 88 26.35 -6.51 0.05
N MET A 89 26.12 -5.39 -0.64
CA MET A 89 25.87 -5.47 -2.08
C MET A 89 27.08 -6.04 -2.81
N LEU A 90 28.29 -5.59 -2.45
CA LEU A 90 29.48 -6.04 -3.17
C LEU A 90 29.74 -7.52 -2.97
N GLU A 91 29.33 -8.09 -1.83
CA GLU A 91 29.47 -9.53 -1.64
C GLU A 91 28.64 -10.29 -2.66
N GLN A 92 27.43 -9.80 -2.95
CA GLN A 92 26.64 -10.42 -4.01
C GLN A 92 27.30 -10.23 -5.37
N ALA A 93 27.85 -9.04 -5.63
CA ALA A 93 28.51 -8.78 -6.91
C ALA A 93 29.71 -9.71 -7.10
N ARG A 94 30.45 -9.97 -6.03
N ARG A 94 30.45 -9.97 -6.03
CA ARG A 94 31.59 -10.88 -6.09
CA ARG A 94 31.65 -10.80 -6.14
C ARG A 94 31.15 -12.28 -6.52
C ARG A 94 31.30 -12.23 -6.55
N ASN A 95 30.02 -12.75 -5.99
N ASN A 95 30.17 -12.75 -6.07
CA ASN A 95 29.54 -14.08 -6.37
CA ASN A 95 29.77 -14.09 -6.49
C ASN A 95 29.15 -14.14 -7.85
C ASN A 95 29.31 -14.09 -7.95
N ARG A 96 28.59 -13.05 -8.37
CA ARG A 96 28.12 -13.00 -9.75
C ARG A 96 29.28 -12.84 -10.73
N LEU A 97 30.26 -12.02 -10.40
CA LEU A 97 31.30 -11.64 -11.35
C LEU A 97 32.56 -12.50 -11.24
N GLY A 98 32.73 -13.26 -10.17
CA GLY A 98 33.96 -13.98 -9.93
C GLY A 98 34.98 -13.11 -9.22
N THR A 99 36.10 -13.73 -8.84
CA THR A 99 37.07 -13.06 -7.99
C THR A 99 38.04 -12.17 -8.76
N GLY A 100 38.03 -12.22 -10.09
CA GLY A 100 38.97 -11.42 -10.86
C GLY A 100 38.56 -9.98 -11.11
N VAL A 101 37.30 -9.63 -10.90
CA VAL A 101 36.82 -8.28 -11.18
C VAL A 101 37.14 -7.38 -9.99
N GLU A 102 37.68 -6.19 -10.27
CA GLU A 102 37.95 -5.26 -9.19
C GLU A 102 36.64 -4.65 -8.70
N LEU A 103 36.36 -4.82 -7.42
CA LEU A 103 35.21 -4.20 -6.76
C LEU A 103 35.74 -3.42 -5.58
N VAL A 104 35.49 -2.11 -5.57
N VAL A 104 35.51 -2.11 -5.57
CA VAL A 104 36.00 -1.23 -4.52
CA VAL A 104 36.01 -1.26 -4.50
C VAL A 104 34.83 -0.70 -3.69
C VAL A 104 34.83 -0.75 -3.68
N ARG A 105 34.99 -0.76 -2.37
N ARG A 105 35.01 -0.76 -2.36
CA ARG A 105 34.01 -0.18 -1.46
CA ARG A 105 34.03 -0.16 -1.46
C ARG A 105 34.43 1.27 -1.20
C ARG A 105 34.44 1.28 -1.20
N ALA A 106 33.60 2.21 -1.64
CA ALA A 106 33.85 3.63 -1.44
C ALA A 106 32.51 4.33 -1.57
N GLU A 107 32.38 5.48 -0.92
CA GLU A 107 31.14 6.24 -0.98
C GLU A 107 31.34 7.46 -1.87
N LEU A 108 30.58 7.51 -2.95
CA LEU A 108 30.63 8.67 -3.84
C LEU A 108 30.37 9.93 -3.02
N PRO A 109 31.03 11.06 -3.34
CA PRO A 109 31.86 11.33 -4.52
C PRO A 109 33.29 10.79 -4.47
N GLU A 110 33.72 10.08 -3.43
CA GLU A 110 35.05 9.50 -3.44
C GLU A 110 35.13 8.39 -4.48
N ILE A 111 36.15 8.46 -5.33
CA ILE A 111 36.46 7.37 -6.25
C ILE A 111 37.95 7.08 -6.13
N PRO A 112 38.36 6.14 -5.25
CA PRO A 112 39.78 5.83 -5.04
C PRO A 112 40.36 4.93 -6.12
N LEU A 113 40.20 5.35 -7.37
N LEU A 113 40.17 5.34 -7.38
CA LEU A 113 40.78 4.68 -8.52
CA LEU A 113 40.70 4.66 -8.54
C LEU A 113 41.66 5.68 -9.25
C LEU A 113 41.33 5.72 -9.42
N HIS A 114 42.89 5.28 -9.56
N HIS A 114 42.60 5.53 -9.77
CA HIS A 114 43.83 6.19 -10.20
CA HIS A 114 43.34 6.56 -10.47
C HIS A 114 43.91 6.00 -11.70
C HIS A 114 43.84 6.13 -11.83
N ALA A 115 43.91 4.75 -12.17
N ALA A 115 43.77 4.85 -12.18
CA ALA A 115 43.94 4.52 -13.60
CA ALA A 115 43.86 4.47 -13.57
C ALA A 115 42.64 5.00 -14.25
C ALA A 115 42.58 4.87 -14.28
N GLY A 116 42.70 5.20 -15.56
CA GLY A 116 41.55 5.65 -16.30
C GLY A 116 40.65 4.52 -16.76
N PHE A 117 39.48 4.90 -17.23
CA PHE A 117 38.55 4.00 -17.88
C PHE A 117 38.15 4.59 -19.22
N ASP A 118 37.72 3.73 -20.13
CA ASP A 118 37.22 4.22 -21.41
C ASP A 118 35.81 4.76 -21.32
N ALA A 119 35.06 4.35 -20.30
CA ALA A 119 33.67 4.72 -20.11
C ALA A 119 33.31 4.45 -18.65
N VAL A 120 32.38 5.24 -18.13
CA VAL A 120 31.83 5.04 -16.79
C VAL A 120 30.31 4.99 -16.93
N ILE A 121 29.66 4.13 -16.13
CA ILE A 121 28.21 4.03 -16.13
C ILE A 121 27.70 3.97 -14.70
N SER A 122 26.39 4.21 -14.56
CA SER A 122 25.72 3.96 -13.28
C SER A 122 24.26 3.65 -13.58
N ALA A 123 23.84 2.41 -13.33
CA ALA A 123 22.52 1.95 -13.73
C ALA A 123 21.58 1.79 -12.53
N ALA A 124 20.28 1.99 -12.79
CA ALA A 124 19.21 1.75 -11.81
C ALA A 124 19.29 2.70 -10.61
N ASN A 125 19.68 3.95 -10.88
CA ASN A 125 19.29 5.14 -10.10
C ASN A 125 20.08 5.35 -8.81
N GLY A 126 21.27 4.77 -8.68
CA GLY A 126 22.05 5.00 -7.47
C GLY A 126 22.41 6.46 -7.24
N LEU A 127 22.62 7.23 -8.31
CA LEU A 127 23.03 8.61 -8.12
C LEU A 127 21.94 9.50 -7.54
N THR A 128 20.68 9.04 -7.54
N THR A 128 20.69 9.03 -7.55
CA THR A 128 19.62 9.78 -6.88
CA THR A 128 19.62 9.78 -6.87
C THR A 128 19.82 9.85 -5.37
C THR A 128 19.86 9.89 -5.38
N TYR A 129 20.65 8.98 -4.81
CA TYR A 129 20.95 9.05 -3.37
C TYR A 129 21.89 10.19 -3.03
N LEU A 130 22.50 10.83 -4.03
CA LEU A 130 23.42 11.92 -3.73
C LEU A 130 22.66 13.24 -3.66
N PRO A 131 22.90 14.05 -2.63
CA PRO A 131 22.44 15.44 -2.65
C PRO A 131 23.12 16.20 -3.79
N GLY A 132 22.59 17.38 -4.09
CA GLY A 132 23.13 18.16 -5.21
C GLY A 132 24.63 18.35 -5.15
N THR A 133 25.16 18.70 -3.97
CA THR A 133 26.59 18.97 -3.86
C THR A 133 27.42 17.73 -4.19
N GLY A 134 27.08 16.60 -3.57
CA GLY A 134 27.82 15.38 -3.83
C GLY A 134 27.59 14.81 -5.22
N PHE A 135 26.43 15.10 -5.80
CA PHE A 135 26.17 14.71 -7.18
C PHE A 135 27.09 15.46 -8.13
N GLY A 136 27.18 16.78 -7.96
CA GLY A 136 28.10 17.57 -8.77
C GLY A 136 29.55 17.15 -8.58
N GLU A 137 29.94 16.85 -7.34
CA GLU A 137 31.31 16.38 -7.11
C GLU A 137 31.55 15.02 -7.73
N THR A 138 30.53 14.18 -7.79
CA THR A 138 30.68 12.88 -8.42
C THR A 138 30.87 13.04 -9.93
N LEU A 139 30.12 13.95 -10.56
CA LEU A 139 30.35 14.18 -11.98
C LEU A 139 31.78 14.65 -12.22
N ALA A 140 32.29 15.52 -11.35
CA ALA A 140 33.67 15.99 -11.50
C ALA A 140 34.66 14.85 -11.33
N ALA A 141 34.42 13.96 -10.35
CA ALA A 141 35.34 12.84 -10.15
C ALA A 141 35.30 11.88 -11.32
N VAL A 142 34.13 11.65 -11.91
CA VAL A 142 34.04 10.76 -13.06
C VAL A 142 34.75 11.36 -14.26
N ALA A 143 34.63 12.68 -14.45
CA ALA A 143 35.30 13.32 -15.58
C ALA A 143 36.82 13.12 -15.50
N ARG A 144 37.38 13.09 -14.30
N ARG A 144 37.38 13.10 -14.29
CA ARG A 144 38.83 12.94 -14.18
CA ARG A 144 38.81 12.92 -14.12
C ARG A 144 39.31 11.51 -14.44
C ARG A 144 39.27 11.57 -14.65
N LEU A 145 38.40 10.56 -14.62
CA LEU A 145 38.76 9.20 -15.01
C LEU A 145 38.69 8.97 -16.52
N LEU A 146 38.15 9.92 -17.26
CA LEU A 146 37.85 9.71 -18.67
C LEU A 146 38.82 10.45 -19.57
N PRO A 147 39.13 9.89 -20.74
CA PRO A 147 39.90 10.63 -21.74
C PRO A 147 38.99 11.62 -22.46
N PRO A 148 39.56 12.51 -23.27
CA PRO A 148 38.72 13.36 -24.13
C PRO A 148 37.77 12.52 -24.97
N GLY A 149 36.51 12.90 -24.99
CA GLY A 149 35.49 12.15 -25.69
C GLY A 149 34.94 10.94 -24.95
N GLY A 150 35.55 10.52 -23.84
CA GLY A 150 35.00 9.43 -23.07
C GLY A 150 33.63 9.75 -22.51
N THR A 151 32.83 8.72 -22.29
CA THR A 151 31.42 8.93 -21.96
C THR A 151 31.07 8.45 -20.56
N PHE A 152 29.98 9.02 -20.06
CA PHE A 152 29.41 8.68 -18.75
C PHE A 152 27.92 8.56 -18.98
N VAL A 153 27.35 7.37 -18.72
CA VAL A 153 25.93 7.11 -18.96
C VAL A 153 25.32 6.69 -17.63
N PHE A 154 24.26 7.37 -17.21
CA PHE A 154 23.64 7.03 -15.93
C PHE A 154 22.16 7.35 -15.99
N ASP A 155 21.41 6.84 -15.01
CA ASP A 155 20.00 7.20 -14.91
C ASP A 155 19.69 7.83 -13.55
N LEU A 156 18.55 8.50 -13.52
CA LEU A 156 18.02 9.13 -12.32
C LEU A 156 16.52 8.89 -12.31
N TYR A 157 15.90 8.98 -11.13
CA TYR A 157 14.46 9.10 -11.13
C TYR A 157 14.07 10.37 -11.88
N GLY A 158 13.06 10.26 -12.73
CA GLY A 158 12.58 11.41 -13.47
C GLY A 158 11.52 12.18 -12.68
N HIS A 159 11.12 13.32 -13.25
CA HIS A 159 10.18 14.17 -12.56
C HIS A 159 8.87 13.43 -12.26
N GLY A 160 8.43 12.58 -13.18
CA GLY A 160 7.18 11.85 -13.00
C GLY A 160 7.18 10.92 -11.79
N PHE A 161 8.35 10.41 -11.43
CA PHE A 161 8.44 9.58 -10.22
C PHE A 161 8.09 10.39 -8.99
N PHE A 162 8.68 11.59 -8.88
CA PHE A 162 8.43 12.41 -7.70
C PHE A 162 6.98 12.87 -7.65
N GLU A 163 6.40 13.20 -8.80
CA GLU A 163 5.02 13.64 -8.78
C GLU A 163 4.06 12.48 -8.56
N ARG A 164 4.46 11.26 -8.94
CA ARG A 164 3.60 10.10 -8.73
C ARG A 164 3.52 9.72 -7.26
N PHE A 165 4.64 9.73 -6.56
CA PHE A 165 4.70 9.18 -5.21
C PHE A 165 4.66 10.23 -4.11
N TYR A 166 4.74 11.51 -4.46
N TYR A 166 4.73 11.52 -4.44
CA TYR A 166 4.68 12.61 -3.48
CA TYR A 166 4.81 12.56 -3.41
C TYR A 166 3.70 13.66 -3.99
C TYR A 166 3.83 13.70 -3.65
N ASP A 167 2.41 13.31 -4.02
N ASP A 167 2.73 13.47 -4.36
CA ASP A 167 1.40 14.19 -4.61
CA ASP A 167 1.72 14.49 -4.59
C ASP A 167 0.36 14.69 -3.62
C ASP A 167 0.42 14.13 -3.90
N SER A 168 0.59 14.53 -2.32
N SER A 168 0.50 13.33 -2.84
CA SER A 168 -0.38 14.99 -1.34
CA SER A 168 -0.67 12.80 -2.14
C SER A 168 0.31 15.12 0.01
C SER A 168 -0.87 13.55 -0.83
N ALA A 169 -0.34 15.87 0.91
N ALA A 169 -2.13 13.75 -0.46
CA ALA A 169 0.16 15.98 2.28
CA ALA A 169 -2.46 14.47 0.77
C ALA A 169 0.16 14.62 2.98
C ALA A 169 -1.98 13.72 2.01
N GLU A 170 -0.74 13.71 2.55
N GLU A 170 -2.03 12.40 1.97
CA GLU A 170 -0.82 12.37 3.11
CA GLU A 170 -1.44 11.53 2.98
C GLU A 170 0.12 11.44 2.36
C GLU A 170 -0.31 10.73 2.34
N PRO A 171 0.92 10.63 3.07
N PRO A 171 0.66 10.27 3.14
CA PRO A 171 1.90 9.78 2.39
CA PRO A 171 1.79 9.51 2.56
C PRO A 171 1.22 8.65 1.62
C PRO A 171 1.31 8.31 1.75
N ARG A 172 1.80 8.31 0.46
N ARG A 172 1.74 8.27 0.49
CA ARG A 172 1.41 7.14 -0.29
CA ARG A 172 1.46 7.13 -0.37
C ARG A 172 2.13 5.90 0.24
C ARG A 172 2.17 5.89 0.16
N VAL A 173 1.49 4.75 0.09
CA VAL A 173 2.04 3.47 0.54
C VAL A 173 1.94 2.48 -0.60
N LEU A 174 3.03 1.75 -0.85
CA LEU A 174 3.10 0.70 -1.85
C LEU A 174 3.55 -0.57 -1.15
N ALA A 175 3.03 -1.72 -1.56
CA ALA A 175 3.42 -2.97 -0.92
C ALA A 175 3.42 -4.10 -1.94
N VAL A 176 4.18 -5.15 -1.62
CA VAL A 176 4.12 -6.38 -2.38
C VAL A 176 4.49 -7.54 -1.45
N GLU A 177 3.85 -8.68 -1.68
CA GLU A 177 4.15 -9.92 -0.98
C GLU A 177 4.77 -10.86 -1.98
N LEU A 178 6.06 -11.15 -1.81
CA LEU A 178 6.76 -12.13 -2.62
C LEU A 178 6.93 -13.40 -1.80
N GLU A 179 7.57 -14.41 -2.39
CA GLU A 179 7.59 -15.75 -1.81
C GLU A 179 7.98 -15.74 -0.34
N ASP A 180 9.17 -15.22 -0.03
CA ASP A 180 9.74 -15.29 1.31
C ASP A 180 9.92 -13.92 1.96
N VAL A 181 9.20 -12.91 1.50
CA VAL A 181 9.43 -11.56 1.98
C VAL A 181 8.23 -10.71 1.57
N SER A 182 7.83 -9.82 2.48
CA SER A 182 6.84 -8.79 2.17
C SER A 182 7.50 -7.45 2.37
N TYR A 183 7.21 -6.52 1.48
CA TYR A 183 7.73 -5.16 1.56
C TYR A 183 6.58 -4.18 1.67
N ILE A 184 6.77 -3.15 2.48
CA ILE A 184 5.86 -2.02 2.54
C ILE A 184 6.70 -0.76 2.46
N TRP A 185 6.42 0.08 1.47
CA TRP A 185 7.12 1.34 1.25
C TRP A 185 6.21 2.50 1.55
N THR A 186 6.65 3.41 2.42
CA THR A 186 5.89 4.59 2.77
C THR A 186 6.67 5.82 2.30
N PHE A 187 6.05 6.63 1.44
CA PHE A 187 6.71 7.76 0.80
C PHE A 187 6.32 9.06 1.49
N THR A 188 7.31 9.76 2.05
CA THR A 188 7.08 11.06 2.68
C THR A 188 8.15 12.04 2.23
N ALA A 189 7.79 13.32 2.19
CA ALA A 189 8.72 14.37 1.87
C ALA A 189 8.42 15.58 2.74
N PRO A 190 9.44 16.32 3.14
CA PRO A 190 9.20 17.55 3.92
C PRO A 190 8.37 18.53 3.11
N PRO A 191 7.70 19.48 3.77
N PRO A 191 7.74 19.51 3.76
CA PRO A 191 6.96 20.51 3.02
CA PRO A 191 6.96 20.50 3.00
C PRO A 191 7.79 21.20 1.96
C PRO A 191 7.79 21.25 1.97
N SER A 192 9.08 21.43 2.22
CA SER A 192 9.96 22.09 1.26
C SER A 192 10.23 21.23 0.03
N ARG A 193 10.03 19.91 0.14
CA ARG A 193 10.39 18.95 -0.90
C ARG A 193 11.88 19.08 -1.29
N ALA A 194 12.74 19.29 -0.29
CA ALA A 194 14.18 19.37 -0.56
C ALA A 194 14.80 18.01 -0.78
N HIS A 195 14.21 16.96 -0.19
CA HIS A 195 14.55 15.58 -0.48
C HIS A 195 13.27 14.78 -0.39
N PHE A 196 13.38 13.49 -0.72
CA PHE A 196 12.23 12.61 -0.83
C PHE A 196 12.55 11.29 -0.13
N ASP A 197 11.79 10.95 0.91
CA ASP A 197 12.08 9.77 1.70
C ASP A 197 11.16 8.60 1.35
N VAL A 198 11.72 7.39 1.43
CA VAL A 198 10.93 6.16 1.41
C VAL A 198 11.34 5.32 2.60
N VAL A 199 10.39 4.99 3.47
CA VAL A 199 10.66 3.98 4.49
C VAL A 199 10.42 2.62 3.88
N HIS A 200 11.46 1.81 3.81
CA HIS A 200 11.46 0.48 3.23
C HIS A 200 11.34 -0.50 4.39
N SER A 201 10.12 -1.00 4.62
CA SER A 201 9.89 -2.02 5.64
C SER A 201 9.89 -3.38 4.98
N GLN A 202 10.69 -4.28 5.53
CA GLN A 202 10.92 -5.59 4.96
C GLN A 202 10.61 -6.64 6.02
N PHE A 203 9.71 -7.56 5.71
CA PHE A 203 9.34 -8.66 6.59
C PHE A 203 9.88 -9.98 6.04
N LEU A 204 10.90 -10.55 6.70
CA LEU A 204 11.47 -11.85 6.36
C LEU A 204 11.14 -12.87 7.45
N ARG A 205 10.85 -14.10 7.04
N ARG A 205 10.88 -14.10 7.04
CA ARG A 205 10.58 -15.16 8.00
CA ARG A 205 10.59 -15.15 8.01
C ARG A 205 11.72 -15.29 9.00
C ARG A 205 11.72 -15.30 9.01
N THR A 206 11.37 -15.45 10.28
CA THR A 206 12.35 -15.51 11.35
C THR A 206 12.94 -16.91 11.45
N PRO A 207 14.25 -17.08 11.28
CA PRO A 207 14.84 -18.42 11.32
C PRO A 207 14.63 -19.08 12.67
N ASP A 208 14.40 -20.39 12.64
CA ASP A 208 14.25 -21.22 13.84
C ASP A 208 13.10 -20.74 14.71
N ALA A 209 12.06 -20.21 14.09
CA ALA A 209 10.90 -19.72 14.81
C ALA A 209 9.64 -20.39 14.29
N GLU A 210 8.61 -20.40 15.13
CA GLU A 210 7.31 -20.95 14.75
C GLU A 210 6.82 -20.31 13.45
N ALA A 211 6.16 -21.13 12.62
CA ALA A 211 5.62 -20.61 11.37
C ALA A 211 4.71 -19.42 11.64
N GLY A 212 4.77 -18.43 10.74
CA GLY A 212 4.09 -17.17 10.95
C GLY A 212 4.93 -16.10 11.59
N THR A 213 6.16 -16.41 12.00
CA THR A 213 7.03 -15.43 12.63
C THR A 213 7.87 -14.73 11.59
N TYR A 214 7.88 -13.40 11.63
CA TYR A 214 8.65 -12.59 10.71
C TYR A 214 9.47 -11.57 11.48
N THR A 215 10.58 -11.18 10.90
CA THR A 215 11.41 -10.10 11.42
C THR A 215 11.28 -8.91 10.48
N ARG A 216 10.87 -7.77 11.04
CA ARG A 216 10.81 -6.54 10.27
C ARG A 216 12.10 -5.75 10.44
N THR A 217 12.71 -5.35 9.33
CA THR A 217 13.75 -4.34 9.34
C THR A 217 13.25 -3.15 8.53
N ARG A 218 13.60 -1.95 8.98
CA ARG A 218 13.21 -0.72 8.30
C ARG A 218 14.46 0.08 7.94
N GLU A 219 14.50 0.59 6.71
CA GLU A 219 15.59 1.41 6.23
C GLU A 219 15.02 2.64 5.54
N LEU A 220 15.64 3.78 5.78
CA LEU A 220 15.22 5.02 5.14
C LEU A 220 16.05 5.21 3.87
N HIS A 221 15.39 5.30 2.74
CA HIS A 221 16.04 5.62 1.47
C HIS A 221 15.71 7.07 1.13
N ARG A 222 16.74 7.91 1.07
CA ARG A 222 16.55 9.35 0.87
C ARG A 222 16.99 9.70 -0.54
N PHE A 223 16.05 10.14 -1.36
CA PHE A 223 16.26 10.47 -2.76
C PHE A 223 16.32 11.97 -2.95
N HIS A 224 17.03 12.40 -4.00
CA HIS A 224 17.06 13.79 -4.40
C HIS A 224 16.65 13.89 -5.86
N GLU A 225 15.84 14.89 -6.19
CA GLU A 225 15.56 15.19 -7.58
C GLU A 225 16.64 16.10 -8.12
N HIS A 226 17.35 15.63 -9.15
CA HIS A 226 18.28 16.44 -9.92
C HIS A 226 17.57 16.80 -11.23
N THR A 227 17.16 18.05 -11.36
CA THR A 227 16.42 18.51 -12.53
C THR A 227 17.31 18.53 -13.76
N HIS A 228 16.68 18.59 -14.94
CA HIS A 228 17.47 18.69 -16.16
C HIS A 228 18.39 19.89 -16.11
N THR A 229 17.87 21.04 -15.66
CA THR A 229 18.67 22.24 -15.65
C THR A 229 19.87 22.10 -14.72
N SER A 230 19.67 21.48 -13.55
N SER A 230 19.67 21.48 -13.56
CA SER A 230 20.82 21.28 -12.66
CA SER A 230 20.77 21.23 -12.62
C SER A 230 21.82 20.28 -13.23
C SER A 230 21.80 20.29 -13.23
N VAL A 231 21.35 19.18 -13.82
CA VAL A 231 22.29 18.19 -14.37
C VAL A 231 23.13 18.83 -15.47
N ARG A 232 22.50 19.59 -16.36
CA ARG A 232 23.26 20.24 -17.44
C ARG A 232 24.31 21.19 -16.88
N ARG A 233 23.96 21.98 -15.86
N ARG A 233 23.94 21.96 -15.85
CA ARG A 233 24.90 22.92 -15.29
CA ARG A 233 24.86 22.93 -15.26
C ARG A 233 26.08 22.20 -14.64
C ARG A 233 26.05 22.24 -14.60
N LEU A 234 25.78 21.17 -13.83
CA LEU A 234 26.84 20.45 -13.15
C LEU A 234 27.71 19.65 -14.12
N ALA A 235 27.11 19.12 -15.19
CA ALA A 235 27.91 18.40 -16.19
C ALA A 235 28.89 19.35 -16.88
N ALA A 236 28.43 20.54 -17.22
CA ALA A 236 29.32 21.51 -17.86
C ALA A 236 30.43 21.93 -16.90
N GLU A 237 30.09 22.14 -15.62
CA GLU A 237 31.09 22.51 -14.63
C GLU A 237 32.15 21.44 -14.47
N ALA A 238 31.75 20.17 -14.60
CA ALA A 238 32.67 19.06 -14.43
C ALA A 238 33.59 18.84 -15.62
N GLY A 239 33.33 19.51 -16.73
CA GLY A 239 34.10 19.34 -17.94
C GLY A 239 33.53 18.38 -18.96
N PHE A 240 32.21 18.20 -18.99
CA PHE A 240 31.55 17.43 -20.03
C PHE A 240 31.03 18.38 -21.09
N SER A 241 31.44 18.18 -22.35
CA SER A 241 31.09 19.10 -23.42
C SER A 241 29.67 18.89 -23.96
N SER A 242 29.05 17.76 -23.68
CA SER A 242 27.66 17.56 -24.05
C SER A 242 26.98 16.68 -23.02
N ALA A 243 25.66 16.86 -22.91
CA ALA A 243 24.85 16.09 -21.95
C ALA A 243 23.44 16.03 -22.52
N GLU A 244 22.97 14.84 -22.83
N GLU A 244 22.93 14.83 -22.78
CA GLU A 244 21.62 14.61 -23.35
CA GLU A 244 21.60 14.68 -23.34
C GLU A 244 20.82 13.79 -22.35
C GLU A 244 20.79 13.70 -22.51
N VAL A 245 19.51 13.98 -22.36
CA VAL A 245 18.62 13.20 -21.50
C VAL A 245 17.51 12.60 -22.36
N HIS A 246 17.13 11.37 -22.04
CA HIS A 246 16.06 10.65 -22.71
C HIS A 246 15.20 9.92 -21.70
N ASP A 247 14.00 9.51 -22.14
CA ASP A 247 13.06 8.83 -21.28
C ASP A 247 13.43 7.35 -21.12
N ASN A 248 13.72 6.94 -19.89
CA ASN A 248 13.83 5.55 -19.46
C ASN A 248 14.48 4.63 -20.50
N TRP A 249 15.74 4.92 -20.81
CA TRP A 249 16.58 4.01 -21.59
C TRP A 249 15.95 3.74 -22.97
N THR A 250 15.33 4.78 -23.55
CA THR A 250 14.84 4.77 -24.92
C THR A 250 15.33 6.03 -25.62
N SER A 251 15.02 6.14 -26.91
CA SER A 251 15.37 7.32 -27.69
C SER A 251 14.27 8.38 -27.63
N ARG A 252 13.25 8.18 -26.80
N ARG A 252 13.28 8.20 -26.80
CA ARG A 252 12.18 9.16 -26.66
CA ARG A 252 12.23 9.20 -26.75
C ARG A 252 12.65 10.35 -25.81
C ARG A 252 12.60 10.32 -25.80
N PRO A 253 12.06 11.52 -26.00
CA PRO A 253 12.44 12.66 -25.16
C PRO A 253 12.05 12.46 -23.71
N SER A 254 12.89 13.00 -22.82
CA SER A 254 12.51 13.11 -21.42
C SER A 254 11.47 14.22 -21.25
N THR A 255 10.46 13.96 -20.40
CA THR A 255 9.37 14.91 -20.22
C THR A 255 9.03 15.05 -18.74
N PRO A 256 8.17 16.00 -18.35
CA PRO A 256 7.75 16.09 -16.95
C PRO A 256 7.03 14.85 -16.45
N GLU A 257 6.67 13.93 -17.33
CA GLU A 257 5.99 12.69 -16.92
C GLU A 257 6.95 11.52 -16.76
N SER A 258 8.21 11.66 -17.15
CA SER A 258 9.10 10.52 -17.20
C SER A 258 9.33 9.93 -15.81
N MET A 259 9.25 8.60 -15.72
N MET A 259 9.26 8.60 -15.74
CA MET A 259 9.54 7.96 -14.45
CA MET A 259 9.52 7.88 -14.50
C MET A 259 11.03 7.81 -14.22
C MET A 259 11.01 7.75 -14.23
N TYR A 260 11.81 7.58 -15.28
CA TYR A 260 13.26 7.49 -15.19
C TYR A 260 13.87 8.27 -16.34
N ASP A 261 14.92 9.03 -16.05
CA ASP A 261 15.65 9.80 -17.05
C ASP A 261 17.02 9.16 -17.26
N THR A 262 17.44 9.07 -18.51
CA THR A 262 18.71 8.46 -18.87
C THR A 262 19.61 9.53 -19.45
N TRP A 263 20.77 9.75 -18.85
CA TRP A 263 21.70 10.81 -19.21
C TRP A 263 22.90 10.24 -19.96
N THR A 264 23.25 10.86 -21.08
CA THR A 264 24.46 10.51 -21.85
C THR A 264 25.37 11.73 -21.91
N LEU A 265 26.54 11.63 -21.25
CA LEU A 265 27.47 12.73 -21.11
C LEU A 265 28.77 12.38 -21.84
N THR A 266 29.36 13.38 -22.49
CA THR A 266 30.62 13.23 -23.20
C THR A 266 31.66 14.19 -22.64
N ARG A 267 32.83 13.66 -22.27
N ARG A 267 32.81 13.65 -22.23
CA ARG A 267 33.90 14.46 -21.69
CA ARG A 267 33.87 14.48 -21.68
C ARG A 267 34.49 15.41 -22.72
C ARG A 267 34.41 15.43 -22.74
N GLY A 268 34.69 16.67 -22.32
CA GLY A 268 35.29 17.65 -23.20
C GLY A 268 36.79 17.44 -23.37
N VAL A 269 37.43 18.41 -24.04
CA VAL A 269 38.83 18.26 -24.40
C VAL A 269 39.78 18.96 -23.45
N LEU A 270 39.27 19.73 -22.48
CA LEU A 270 40.12 20.45 -21.54
C LEU A 270 40.35 19.58 -20.31
N GLU A 271 41.61 19.34 -20.00
N GLU A 271 41.61 19.35 -19.97
CA GLU A 271 41.97 18.53 -18.84
CA GLU A 271 41.94 18.58 -18.78
C GLU A 271 41.98 19.38 -17.56
C GLU A 271 42.17 19.52 -17.59
N HIS A 272 40.82 19.52 -16.94
N HIS A 272 41.09 19.81 -16.86
N VAL B 6 -0.14 -19.62 -2.18
CA VAL B 6 -0.65 -19.42 -0.84
C VAL B 6 -2.08 -18.86 -0.87
N ASP B 7 -3.06 -19.75 -0.79
N ASP B 7 -3.06 -19.75 -0.77
CA ASP B 7 -4.47 -19.36 -0.81
CA ASP B 7 -4.47 -19.38 -0.80
C ASP B 7 -5.05 -19.39 0.61
C ASP B 7 -5.05 -19.40 0.60
N VAL B 8 -5.97 -18.47 0.86
CA VAL B 8 -6.53 -18.24 2.19
C VAL B 8 -8.01 -18.65 2.14
N PRO B 9 -8.45 -19.57 3.01
CA PRO B 9 -9.87 -19.90 3.12
C PRO B 9 -10.59 -18.94 4.07
N VAL B 10 -11.92 -18.95 3.99
CA VAL B 10 -12.74 -18.13 4.87
C VAL B 10 -12.78 -18.76 6.25
N SER B 11 -12.35 -18.01 7.25
CA SER B 11 -12.45 -18.47 8.63
C SER B 11 -13.87 -18.30 9.13
N SER B 12 -14.22 -19.10 10.15
N SER B 12 -14.21 -19.10 10.15
CA SER B 12 -15.51 -18.92 10.80
CA SER B 12 -15.50 -18.93 10.82
C SER B 12 -15.63 -17.55 11.43
C SER B 12 -15.62 -17.54 11.41
N ASP B 13 -14.53 -16.98 11.94
CA ASP B 13 -14.50 -15.62 12.45
C ASP B 13 -13.34 -14.85 11.85
N PRO B 14 -13.56 -14.17 10.73
CA PRO B 14 -12.49 -13.35 10.13
C PRO B 14 -12.00 -12.22 11.03
N TYR B 15 -12.78 -11.79 12.01
CA TYR B 15 -12.39 -10.69 12.88
C TYR B 15 -11.64 -11.14 14.13
N ALA B 16 -11.41 -12.44 14.31
CA ALA B 16 -10.81 -12.89 15.57
C ALA B 16 -9.43 -12.28 15.77
N ASN B 17 -8.63 -12.19 14.71
CA ASN B 17 -7.29 -11.65 14.80
C ASN B 17 -7.25 -10.14 14.67
N LEU B 18 -8.39 -9.51 14.36
CA LEU B 18 -8.45 -8.07 14.14
C LEU B 18 -9.03 -7.31 15.32
N ALA B 19 -9.78 -7.99 16.20
CA ALA B 19 -10.58 -7.28 17.21
C ALA B 19 -9.73 -6.35 18.06
N ALA B 20 -8.54 -6.81 18.48
CA ALA B 20 -7.71 -5.99 19.36
C ALA B 20 -7.18 -4.75 18.68
N SER B 21 -7.08 -4.74 17.35
CA SER B 21 -6.56 -3.61 16.61
C SER B 21 -7.62 -2.84 15.85
N TYR B 22 -8.88 -3.30 15.92
CA TYR B 22 -9.93 -2.83 15.03
C TYR B 22 -10.24 -1.35 15.24
N ASP B 23 -10.34 -0.91 16.50
CA ASP B 23 -10.73 0.49 16.73
C ASP B 23 -9.70 1.44 16.14
N ARG B 24 -8.42 1.12 16.28
N ARG B 24 -8.42 1.12 16.26
CA ARG B 24 -7.39 1.96 15.69
CA ARG B 24 -7.42 2.00 15.68
C ARG B 24 -7.44 1.90 14.17
C ARG B 24 -7.36 1.88 14.16
N LEU B 25 -7.76 0.74 13.60
CA LEU B 25 -7.87 0.64 12.15
C LEU B 25 -9.01 1.50 11.64
N VAL B 26 -10.13 1.53 12.36
CA VAL B 26 -11.26 2.37 11.98
C VAL B 26 -10.84 3.83 11.93
N ASP B 27 -9.99 4.26 12.86
CA ASP B 27 -9.49 5.63 12.78
C ASP B 27 -8.82 5.89 11.44
N TRP B 28 -8.07 4.90 10.93
CA TRP B 28 -7.39 5.08 9.66
C TRP B 28 -8.36 5.02 8.48
N VAL B 29 -9.31 4.09 8.49
N VAL B 29 -9.32 4.09 8.49
CA VAL B 29 -10.31 4.06 7.43
CA VAL B 29 -10.23 3.95 7.35
C VAL B 29 -11.05 5.39 7.36
C VAL B 29 -11.26 5.07 7.29
N ILE B 30 -11.40 5.95 8.51
N ILE B 30 -11.48 5.78 8.39
CA ILE B 30 -12.09 7.25 8.56
CA ILE B 30 -12.26 7.00 8.33
C ILE B 30 -11.22 8.34 7.93
C ILE B 30 -11.49 8.10 7.61
N SER B 31 -9.91 8.33 8.22
N SER B 31 -10.24 8.32 8.01
CA SER B 31 -9.08 9.42 7.74
CA SER B 31 -9.49 9.44 7.46
C SER B 31 -8.64 9.23 6.28
C SER B 31 -9.10 9.18 6.01
N GLU B 32 -8.76 8.03 5.71
N GLU B 32 -8.74 7.95 5.66
CA GLU B 32 -8.22 7.78 4.38
CA GLU B 32 -8.16 7.66 4.36
C GLU B 32 -9.17 7.09 3.39
C GLU B 32 -9.08 6.94 3.38
N GLN B 33 -10.19 6.36 3.85
CA GLN B 33 -11.06 5.59 2.96
C GLN B 33 -12.53 5.98 3.04
N GLU B 34 -12.83 7.21 3.45
CA GLU B 34 -14.16 7.80 3.39
C GLU B 34 -15.20 7.11 4.29
N GLU B 35 -14.79 6.19 5.16
CA GLU B 35 -15.75 5.66 6.12
C GLU B 35 -16.24 6.79 7.03
N THR B 36 -17.53 6.79 7.30
CA THR B 36 -18.16 7.87 8.03
C THR B 36 -17.93 7.69 9.53
N PRO B 37 -17.53 8.75 10.26
CA PRO B 37 -17.40 8.64 11.71
C PRO B 37 -18.72 8.21 12.34
N ARG B 38 -18.62 7.46 13.44
CA ARG B 38 -19.84 6.95 14.05
C ARG B 38 -20.74 8.09 14.54
N GLU B 39 -20.16 9.22 14.96
CA GLU B 39 -21.00 10.34 15.39
C GLU B 39 -21.87 10.86 14.25
N ARG B 40 -21.32 10.92 13.04
N ARG B 40 -21.30 10.92 13.04
CA ARG B 40 -22.11 11.39 11.92
CA ARG B 40 -22.09 11.38 11.89
C ARG B 40 -23.12 10.34 11.45
C ARG B 40 -23.13 10.34 11.48
N MET B 41 -22.79 9.05 11.56
CA MET B 41 -23.80 8.01 11.35
C MET B 41 -24.92 8.14 12.37
N GLY B 42 -24.58 8.37 13.64
CA GLY B 42 -25.60 8.54 14.66
C GLY B 42 -26.46 9.77 14.42
N ASP B 43 -25.84 10.86 13.94
CA ASP B 43 -26.60 12.07 13.60
C ASP B 43 -27.63 11.77 12.53
N TYR B 44 -27.22 11.04 11.50
CA TYR B 44 -28.12 10.68 10.41
C TYR B 44 -29.25 9.80 10.91
N ILE B 45 -28.91 8.80 11.73
CA ILE B 45 -29.92 7.90 12.28
C ILE B 45 -30.92 8.67 13.11
N GLU B 46 -30.43 9.56 13.98
CA GLU B 46 -31.33 10.30 14.86
C GLU B 46 -32.24 11.23 14.08
N SER B 47 -31.71 11.89 13.04
N SER B 47 -31.72 11.90 13.04
CA SER B 47 -32.56 12.73 12.21
CA SER B 47 -32.57 12.74 12.21
C SER B 47 -33.65 11.92 11.54
C SER B 47 -33.66 11.91 11.54
N PHE B 48 -33.31 10.71 11.09
CA PHE B 48 -34.30 9.83 10.47
C PHE B 48 -35.36 9.39 11.47
N TRP B 49 -34.94 9.02 12.68
CA TRP B 49 -35.87 8.62 13.72
C TRP B 49 -36.82 9.76 14.09
N ARG B 50 -36.32 11.00 14.11
N ARG B 50 -36.31 10.99 14.12
CA ARG B 50 -37.20 12.10 14.48
CA ARG B 50 -37.16 12.14 14.43
C ARG B 50 -38.22 12.44 13.40
C ARG B 50 -38.32 12.27 13.46
N ASP B 51 -38.13 11.82 12.23
CA ASP B 51 -39.16 11.94 11.20
C ASP B 51 -40.25 10.87 11.33
N GLN B 52 -40.08 9.88 12.26
CA GLN B 52 -41.06 8.82 12.41
C GLN B 52 -42.07 9.18 13.49
N PRO B 53 -43.31 8.68 13.39
CA PRO B 53 -44.32 9.08 14.38
C PRO B 53 -44.10 8.45 15.75
N ARG B 54 -43.47 7.28 15.82
N ARG B 54 -43.48 7.26 15.82
CA ARG B 54 -43.29 6.58 17.09
CA ARG B 54 -43.28 6.54 17.09
C ARG B 54 -41.89 6.80 17.63
C ARG B 54 -41.88 6.81 17.62
N PRO B 55 -41.72 7.25 18.87
CA PRO B 55 -40.37 7.50 19.39
C PRO B 55 -39.54 6.23 19.52
N VAL B 56 -38.23 6.40 19.41
CA VAL B 56 -37.28 5.28 19.49
C VAL B 56 -36.58 5.34 20.85
N HIS B 57 -36.63 4.24 21.59
N HIS B 57 -36.70 4.27 21.62
CA HIS B 57 -35.79 4.11 22.79
CA HIS B 57 -36.01 4.15 22.90
C HIS B 57 -34.93 2.85 22.74
C HIS B 57 -35.08 2.96 22.94
N LYS B 58 -35.56 1.70 22.50
N LYS B 58 -35.54 1.78 22.52
CA LYS B 58 -34.85 0.42 22.46
CA LYS B 58 -34.77 0.52 22.60
C LYS B 58 -34.24 0.21 21.08
C LYS B 58 -34.28 0.14 21.22
N VAL B 59 -32.92 0.00 21.02
N VAL B 59 -32.95 0.09 21.05
CA VAL B 59 -32.20 -0.10 19.76
CA VAL B 59 -32.34 -0.17 19.75
C VAL B 59 -31.30 -1.33 19.78
C VAL B 59 -31.43 -1.39 19.84
N LEU B 60 -31.40 -2.16 18.75
CA LEU B 60 -30.49 -3.29 18.56
C LEU B 60 -29.56 -2.97 17.40
N GLU B 61 -28.25 -3.16 17.58
CA GLU B 61 -27.34 -3.17 16.44
C GLU B 61 -26.90 -4.60 16.17
N ILE B 62 -27.15 -5.07 14.95
CA ILE B 62 -26.61 -6.37 14.52
C ILE B 62 -25.28 -6.09 13.81
N CYS B 63 -24.36 -7.05 13.90
CA CYS B 63 -22.95 -6.82 13.52
C CYS B 63 -22.35 -5.66 14.32
N CYS B 64 -22.57 -5.69 15.65
CA CYS B 64 -22.16 -4.55 16.46
C CYS B 64 -20.64 -4.45 16.67
N GLY B 65 -19.89 -5.50 16.34
CA GLY B 65 -18.43 -5.40 16.44
C GLY B 65 -17.96 -5.06 17.83
N THR B 66 -17.01 -4.14 17.91
CA THR B 66 -16.44 -3.66 19.17
C THR B 66 -17.29 -2.57 19.83
N GLY B 67 -18.47 -2.29 19.28
CA GLY B 67 -19.39 -1.40 19.94
C GLY B 67 -19.18 0.07 19.64
N LEU B 68 -18.46 0.42 18.56
CA LEU B 68 -18.23 1.83 18.29
C LEU B 68 -19.53 2.57 18.00
N MET B 69 -20.42 1.95 17.22
CA MET B 69 -21.69 2.60 16.94
C MET B 69 -22.60 2.56 18.15
N LEU B 70 -22.61 1.41 18.85
CA LEU B 70 -23.47 1.29 20.02
C LEU B 70 -23.04 2.26 21.11
N GLY B 71 -21.73 2.50 21.25
CA GLY B 71 -21.26 3.46 22.24
C GLY B 71 -21.75 4.86 21.95
N ASP B 72 -21.80 5.22 20.68
CA ASP B 72 -22.35 6.53 20.33
C ASP B 72 -23.82 6.63 20.71
N LEU B 73 -24.62 5.60 20.42
CA LEU B 73 -26.03 5.68 20.77
C LEU B 73 -26.24 5.59 22.28
N GLN B 74 -25.39 4.83 22.99
CA GLN B 74 -25.47 4.80 24.45
C GLN B 74 -25.26 6.19 25.02
N ARG B 75 -24.29 6.93 24.48
CA ARG B 75 -24.03 8.29 24.95
C ARG B 75 -25.26 9.18 24.74
N ARG B 76 -25.99 8.96 23.65
CA ARG B 76 -27.17 9.78 23.34
C ARG B 76 -28.38 9.45 24.20
N GLY B 77 -28.36 8.34 24.94
CA GLY B 77 -29.44 7.99 25.83
C GLY B 77 -30.30 6.82 25.42
N TYR B 78 -30.00 6.15 24.31
CA TYR B 78 -30.80 5.01 23.87
C TYR B 78 -30.47 3.77 24.69
N GLN B 79 -31.47 2.90 24.85
CA GLN B 79 -31.27 1.60 25.50
C GLN B 79 -30.77 0.63 24.43
N VAL B 80 -29.49 0.24 24.51
CA VAL B 80 -28.84 -0.45 23.41
C VAL B 80 -28.62 -1.93 23.72
N SER B 81 -28.69 -2.74 22.65
CA SER B 81 -28.31 -4.15 22.66
C SER B 81 -27.51 -4.42 21.40
N GLY B 82 -26.68 -5.47 21.44
CA GLY B 82 -25.83 -5.79 20.32
C GLY B 82 -25.83 -7.28 20.01
N LEU B 83 -25.60 -7.59 18.73
CA LEU B 83 -25.40 -8.95 18.24
C LEU B 83 -24.19 -8.98 17.32
N ASP B 84 -23.32 -9.98 17.51
CA ASP B 84 -22.19 -10.19 16.58
C ASP B 84 -21.81 -11.67 16.62
N ARG B 85 -21.23 -12.17 15.53
CA ARG B 85 -20.80 -13.56 15.57
C ARG B 85 -19.45 -13.75 16.23
N SER B 86 -18.69 -12.67 16.44
CA SER B 86 -17.29 -12.77 16.88
C SER B 86 -17.19 -12.55 18.39
N ALA B 87 -16.80 -13.60 19.13
CA ALA B 87 -16.57 -13.43 20.56
C ALA B 87 -15.47 -12.41 20.81
N ALA B 88 -14.44 -12.39 19.97
CA ALA B 88 -13.34 -11.44 20.14
C ALA B 88 -13.80 -10.00 19.99
N MET B 89 -14.64 -9.72 18.99
CA MET B 89 -15.19 -8.38 18.86
C MET B 89 -16.07 -8.04 20.07
N LEU B 90 -16.89 -8.99 20.51
CA LEU B 90 -17.82 -8.71 21.61
C LEU B 90 -17.08 -8.46 22.92
N GLU B 91 -15.89 -9.06 23.10
CA GLU B 91 -15.10 -8.76 24.28
C GLU B 91 -14.76 -7.29 24.34
N GLN B 92 -14.36 -6.70 23.20
CA GLN B 92 -14.11 -5.28 23.15
C GLN B 92 -15.38 -4.48 23.41
N ALA B 93 -16.49 -4.90 22.83
CA ALA B 93 -17.75 -4.19 23.04
C ALA B 93 -18.15 -4.20 24.52
N ARG B 94 -17.95 -5.32 25.19
N ARG B 94 -17.86 -5.30 25.22
CA ARG B 94 -18.29 -5.39 26.61
CA ARG B 94 -18.17 -5.37 26.65
C ARG B 94 -17.45 -4.43 27.43
C ARG B 94 -17.41 -4.31 27.43
N ASN B 95 -16.19 -4.20 27.02
N ASN B 95 -16.11 -4.17 27.19
CA ASN B 95 -15.38 -3.21 27.71
CA ASN B 95 -15.34 -3.15 27.90
C ASN B 95 -15.92 -1.80 27.50
C ASN B 95 -15.85 -1.75 27.58
N ARG B 96 -16.26 -1.46 26.25
N ARG B 96 -16.26 -1.54 26.32
CA ARG B 96 -16.72 -0.11 25.96
CA ARG B 96 -16.72 -0.21 25.89
C ARG B 96 -18.09 0.16 26.57
C ARG B 96 -18.07 0.14 26.51
N LEU B 97 -19.00 -0.80 26.51
CA LEU B 97 -20.40 -0.55 26.86
C LEU B 97 -20.75 -0.88 28.30
N GLY B 98 -19.89 -1.61 29.01
CA GLY B 98 -20.18 -2.07 30.36
C GLY B 98 -20.95 -3.38 30.37
N THR B 99 -21.08 -3.94 31.58
CA THR B 99 -21.67 -5.27 31.71
C THR B 99 -23.19 -5.26 31.70
N GLY B 100 -23.83 -4.10 31.74
CA GLY B 100 -25.30 -4.05 31.76
C GLY B 100 -25.96 -4.14 30.40
N VAL B 101 -25.21 -3.93 29.32
CA VAL B 101 -25.75 -3.98 27.96
C VAL B 101 -25.83 -5.42 27.48
N GLU B 102 -26.98 -5.83 26.95
CA GLU B 102 -27.11 -7.19 26.43
C GLU B 102 -26.35 -7.31 25.12
N LEU B 103 -25.39 -8.25 25.07
CA LEU B 103 -24.62 -8.56 23.88
C LEU B 103 -24.76 -10.05 23.63
N VAL B 104 -25.24 -10.43 22.44
N VAL B 104 -25.27 -10.43 22.46
CA VAL B 104 -25.54 -11.82 22.12
CA VAL B 104 -25.45 -11.84 22.13
C VAL B 104 -24.64 -12.29 20.99
C VAL B 104 -24.47 -12.20 21.02
N ARG B 105 -23.95 -13.41 21.20
N ARG B 105 -23.93 -13.41 21.10
CA ARG B 105 -23.16 -14.00 20.13
CA ARG B 105 -23.08 -13.94 20.05
C ARG B 105 -24.07 -14.85 19.25
C ARG B 105 -23.90 -14.91 19.22
N ALA B 106 -24.13 -14.53 17.97
CA ALA B 106 -24.95 -15.30 17.03
C ALA B 106 -24.50 -14.92 15.63
N GLU B 107 -24.68 -15.85 14.70
CA GLU B 107 -24.38 -15.60 13.29
C GLU B 107 -25.66 -15.33 12.52
N LEU B 108 -25.79 -14.11 12.00
CA LEU B 108 -26.91 -13.78 11.13
C LEU B 108 -26.99 -14.79 10.01
N PRO B 109 -28.20 -15.20 9.57
CA PRO B 109 -29.50 -14.59 9.93
C PRO B 109 -30.10 -15.00 11.28
N GLU B 110 -29.44 -15.77 12.13
CA GLU B 110 -30.03 -16.08 13.45
C GLU B 110 -30.00 -14.86 14.34
N ILE B 111 -31.15 -14.55 14.96
CA ILE B 111 -31.23 -13.47 15.94
C ILE B 111 -31.95 -14.02 17.16
N PRO B 112 -31.25 -14.65 18.09
N PRO B 112 -31.20 -14.51 18.16
CA PRO B 112 -31.94 -15.29 19.23
CA PRO B 112 -31.80 -15.23 19.28
C PRO B 112 -32.17 -14.28 20.35
C PRO B 112 -32.29 -14.32 20.38
N LEU B 113 -33.26 -13.53 20.21
N LEU B 113 -32.94 -13.22 20.00
CA LEU B 113 -33.70 -12.56 21.20
CA LEU B 113 -33.52 -12.26 20.92
C LEU B 113 -35.20 -12.76 21.38
C LEU B 113 -35.02 -12.20 20.69
N HIS B 114 -35.66 -12.54 22.62
N HIS B 114 -35.78 -12.02 21.76
CA HIS B 114 -37.03 -12.86 22.98
CA HIS B 114 -37.22 -12.00 21.62
C HIS B 114 -37.89 -11.62 23.20
C HIS B 114 -37.89 -10.71 22.10
N ALA B 115 -37.45 -10.46 22.74
N ALA B 115 -37.21 -9.90 22.90
CA ALA B 115 -38.29 -9.28 22.79
CA ALA B 115 -37.87 -8.68 23.36
C ALA B 115 -37.94 -8.40 21.61
C ALA B 115 -37.99 -7.70 22.21
N GLY B 116 -38.83 -7.46 21.30
N GLY B 116 -39.07 -6.93 22.22
CA GLY B 116 -38.64 -6.59 20.15
CA GLY B 116 -39.31 -5.98 21.16
C GLY B 116 -37.83 -5.35 20.48
C GLY B 116 -38.26 -4.88 21.12
N PHE B 117 -37.61 -4.56 19.44
N PHE B 117 -37.93 -4.45 19.92
CA PHE B 117 -36.90 -3.29 19.55
CA PHE B 117 -37.08 -3.29 19.74
C PHE B 117 -37.71 -2.23 18.81
C PHE B 117 -37.84 -2.23 18.96
N ASP B 118 -37.50 -0.97 19.21
CA ASP B 118 -38.13 0.13 18.50
C ASP B 118 -37.45 0.38 17.16
N ALA B 119 -36.18 0.00 17.04
CA ALA B 119 -35.38 0.24 15.84
C ALA B 119 -34.21 -0.73 15.84
N VAL B 120 -33.75 -1.08 14.65
CA VAL B 120 -32.58 -1.95 14.49
C VAL B 120 -31.63 -1.20 13.55
N ILE B 121 -30.32 -1.34 13.78
CA ILE B 121 -29.34 -0.71 12.92
C ILE B 121 -28.23 -1.71 12.64
N SER B 122 -27.42 -1.41 11.63
CA SER B 122 -26.17 -2.16 11.39
C SER B 122 -25.21 -1.22 10.68
N ALA B 123 -24.13 -0.81 11.36
CA ALA B 123 -23.24 0.22 10.85
C ALA B 123 -21.89 -0.35 10.39
N ALA B 124 -21.28 0.31 9.41
CA ALA B 124 -19.93 -0.02 8.95
C ALA B 124 -19.88 -1.40 8.28
N ASN B 125 -20.96 -1.74 7.54
CA ASN B 125 -20.95 -2.66 6.40
C ASN B 125 -20.90 -4.13 6.76
N GLY B 126 -21.24 -4.52 7.99
CA GLY B 126 -21.27 -5.94 8.32
C GLY B 126 -22.19 -6.77 7.44
N LEU B 127 -23.32 -6.20 7.00
CA LEU B 127 -24.22 -7.03 6.22
C LEU B 127 -23.67 -7.40 4.85
N THR B 128 -22.61 -6.73 4.37
N THR B 128 -22.61 -6.72 4.38
CA THR B 128 -21.99 -7.15 3.11
CA THR B 128 -21.97 -7.11 3.14
C THR B 128 -21.33 -8.52 3.19
C THR B 128 -21.41 -8.54 3.20
N TYR B 129 -21.10 -9.04 4.40
CA TYR B 129 -20.57 -10.40 4.53
C TYR B 129 -21.63 -11.47 4.29
N LEU B 130 -22.92 -11.10 4.26
CA LEU B 130 -23.96 -12.08 4.00
C LEU B 130 -24.19 -12.26 2.50
N PRO B 131 -24.21 -13.50 2.01
N PRO B 131 -24.21 -13.50 2.01
CA PRO B 131 -24.69 -13.76 0.64
CA PRO B 131 -24.68 -13.74 0.65
C PRO B 131 -26.17 -13.40 0.50
C PRO B 131 -26.14 -13.34 0.49
N GLY B 132 -26.66 -13.46 -0.74
CA GLY B 132 -28.03 -13.03 -0.99
C GLY B 132 -29.06 -13.72 -0.11
N THR B 133 -28.96 -15.04 0.04
CA THR B 133 -29.96 -15.78 0.80
C THR B 133 -29.95 -15.39 2.27
N GLY B 134 -28.76 -15.37 2.88
CA GLY B 134 -28.66 -14.96 4.27
C GLY B 134 -28.97 -13.50 4.49
N PHE B 135 -28.67 -12.65 3.50
CA PHE B 135 -29.07 -11.24 3.59
C PHE B 135 -30.59 -11.10 3.62
N GLY B 136 -31.28 -11.80 2.73
CA GLY B 136 -32.73 -11.76 2.74
C GLY B 136 -33.32 -12.32 4.01
N GLU B 137 -32.75 -13.43 4.50
CA GLU B 137 -33.27 -14.00 5.74
C GLU B 137 -33.00 -13.09 6.92
N THR B 138 -31.90 -12.34 6.91
CA THR B 138 -31.62 -11.38 7.96
C THR B 138 -32.66 -10.26 7.95
N LEU B 139 -33.00 -9.74 6.78
CA LEU B 139 -34.04 -8.72 6.71
C LEU B 139 -35.36 -9.26 7.26
N ALA B 140 -35.69 -10.51 6.95
CA ALA B 140 -36.92 -11.10 7.47
C ALA B 140 -36.88 -11.24 8.99
N ALA B 141 -35.74 -11.65 9.54
CA ALA B 141 -35.62 -11.75 10.99
C ALA B 141 -35.72 -10.39 11.66
N VAL B 142 -35.12 -9.35 11.05
CA VAL B 142 -35.17 -8.02 11.64
C VAL B 142 -36.59 -7.48 11.63
N ALA B 143 -37.29 -7.68 10.52
CA ALA B 143 -38.67 -7.21 10.44
C ALA B 143 -39.50 -7.75 11.59
N ARG B 144 -39.25 -8.99 12.02
CA ARG B 144 -40.06 -9.61 13.07
C ARG B 144 -39.76 -9.07 14.46
N LEU B 145 -38.64 -8.36 14.63
CA LEU B 145 -38.35 -7.64 15.87
C LEU B 145 -39.04 -6.29 15.98
N LEU B 146 -39.60 -5.77 14.89
CA LEU B 146 -40.03 -4.39 14.86
C LEU B 146 -41.55 -4.28 14.90
N PRO B 147 -42.08 -3.20 15.45
CA PRO B 147 -43.52 -2.92 15.34
C PRO B 147 -43.85 -2.38 13.96
N PRO B 148 -45.13 -2.25 13.62
CA PRO B 148 -45.47 -1.53 12.38
C PRO B 148 -44.86 -0.14 12.40
N GLY B 149 -44.24 0.25 11.29
CA GLY B 149 -43.57 1.53 11.26
C GLY B 149 -42.18 1.53 11.84
N GLY B 150 -41.77 0.46 12.53
CA GLY B 150 -40.41 0.41 13.06
C GLY B 150 -39.38 0.39 11.95
N THR B 151 -38.19 0.91 12.23
CA THR B 151 -37.22 1.13 11.17
C THR B 151 -35.96 0.30 11.34
N PHE B 152 -35.31 0.07 10.20
CA PHE B 152 -34.05 -0.66 10.10
C PHE B 152 -33.13 0.19 9.24
N VAL B 153 -31.97 0.59 9.79
CA VAL B 153 -31.03 1.44 9.06
C VAL B 153 -29.71 0.70 8.99
N PHE B 154 -29.17 0.54 7.78
CA PHE B 154 -27.91 -0.19 7.65
C PHE B 154 -27.15 0.33 6.44
N ASP B 155 -25.86 0.00 6.36
CA ASP B 155 -25.09 0.37 5.18
C ASP B 155 -24.52 -0.86 4.46
N LEU B 156 -24.18 -0.65 3.20
CA LEU B 156 -23.55 -1.67 2.36
C LEU B 156 -22.48 -0.98 1.53
N TYR B 157 -21.53 -1.76 1.04
CA TYR B 157 -20.64 -1.23 0.01
C TYR B 157 -21.46 -0.88 -1.22
N GLY B 158 -21.20 0.32 -1.77
CA GLY B 158 -21.88 0.76 -2.97
C GLY B 158 -21.20 0.27 -4.23
N HIS B 159 -21.87 0.51 -5.35
CA HIS B 159 -21.34 0.08 -6.64
C HIS B 159 -19.95 0.63 -6.90
N GLY B 160 -19.67 1.84 -6.42
CA GLY B 160 -18.37 2.45 -6.66
C GLY B 160 -17.24 1.72 -5.95
N PHE B 161 -17.53 1.09 -4.82
CA PHE B 161 -16.50 0.33 -4.12
C PHE B 161 -16.03 -0.84 -4.97
N PHE B 162 -16.99 -1.58 -5.53
CA PHE B 162 -16.61 -2.73 -6.35
C PHE B 162 -15.94 -2.28 -7.63
N GLU B 163 -16.34 -1.15 -8.19
CA GLU B 163 -15.67 -0.61 -9.37
C GLU B 163 -14.24 -0.18 -9.04
N ARG B 164 -14.04 0.48 -7.91
CA ARG B 164 -12.72 1.02 -7.57
C ARG B 164 -11.71 -0.10 -7.31
N PHE B 165 -12.13 -1.20 -6.70
CA PHE B 165 -11.17 -2.20 -6.25
C PHE B 165 -11.13 -3.46 -7.10
N TYR B 166 -12.05 -3.64 -8.06
N TYR B 166 -12.06 -3.64 -8.05
CA TYR B 166 -12.05 -4.88 -8.83
CA TYR B 166 -12.13 -4.90 -8.79
C TYR B 166 -12.10 -4.64 -10.33
C TYR B 166 -12.35 -4.68 -10.29
N ASP B 167 -11.63 -3.48 -10.79
N ASP B 167 -11.88 -3.55 -10.83
CA ASP B 167 -11.61 -3.18 -12.22
CA ASP B 167 -11.99 -3.28 -12.26
C ASP B 167 -10.24 -3.42 -12.86
C ASP B 167 -10.66 -3.46 -12.99
N SER B 168 -9.17 -3.42 -12.08
N SER B 168 -9.81 -4.36 -12.49
CA SER B 168 -7.84 -3.49 -12.64
CA SER B 168 -8.53 -4.64 -13.12
C SER B 168 -7.55 -4.86 -13.23
C SER B 168 -8.25 -6.13 -13.07
N ALA B 169 -6.63 -4.89 -14.20
N ALA B 169 -7.55 -6.62 -14.09
CA ALA B 169 -6.22 -6.15 -14.80
CA ALA B 169 -7.21 -8.05 -14.14
C ALA B 169 -5.38 -7.00 -13.87
C ALA B 169 -6.29 -8.45 -13.00
N GLU B 170 -4.74 -6.38 -12.87
N GLU B 170 -5.23 -7.66 -12.77
CA GLU B 170 -4.00 -7.06 -11.83
CA GLU B 170 -4.31 -7.92 -11.67
C GLU B 170 -4.59 -6.73 -10.47
C GLU B 170 -4.90 -7.40 -10.36
N PRO B 171 -4.67 -7.71 -9.56
N PRO B 171 -4.64 -8.09 -9.25
CA PRO B 171 -5.32 -7.47 -8.26
CA PRO B 171 -5.25 -7.70 -7.97
C PRO B 171 -4.70 -6.29 -7.50
C PRO B 171 -4.66 -6.40 -7.43
N ARG B 172 -5.56 -5.36 -7.10
N ARG B 172 -5.55 -5.49 -7.04
CA ARG B 172 -5.11 -4.18 -6.36
CA ARG B 172 -5.12 -4.27 -6.36
C ARG B 172 -4.56 -4.58 -5.00
C ARG B 172 -4.56 -4.60 -4.98
N VAL B 173 -3.50 -3.89 -4.59
CA VAL B 173 -2.90 -4.06 -3.27
C VAL B 173 -2.87 -2.70 -2.56
N LEU B 174 -3.40 -2.67 -1.35
CA LEU B 174 -3.43 -1.49 -0.50
C LEU B 174 -2.70 -1.85 0.79
N ALA B 175 -2.03 -0.88 1.40
CA ALA B 175 -1.27 -1.19 2.61
C ALA B 175 -1.12 0.03 3.50
N VAL B 176 -0.80 -0.22 4.78
CA VAL B 176 -0.45 0.85 5.69
C VAL B 176 0.27 0.24 6.87
N GLU B 177 1.19 0.99 7.46
N GLU B 177 1.23 0.98 7.42
CA GLU B 177 1.76 0.62 8.74
CA GLU B 177 1.91 0.63 8.65
C GLU B 177 1.14 1.50 9.82
C GLU B 177 1.52 1.63 9.72
N LEU B 178 0.54 0.87 10.83
N LEU B 178 0.71 1.19 10.67
CA LEU B 178 -0.07 1.57 11.94
CA LEU B 178 0.44 2.00 11.84
C LEU B 178 0.79 1.37 13.19
C LEU B 178 1.51 1.74 12.88
N GLU B 179 0.19 1.55 14.37
N GLU B 179 1.18 1.93 14.14
CA GLU B 179 0.97 1.62 15.61
CA GLU B 179 2.01 1.42 15.21
C GLU B 179 1.90 0.42 15.79
C GLU B 179 1.40 0.15 15.78
N ASP B 180 1.34 -0.71 16.20
N ASP B 180 2.27 -0.82 16.05
CA ASP B 180 2.07 -1.95 16.39
CA ASP B 180 2.00 -2.15 16.59
C ASP B 180 1.67 -3.01 15.38
C ASP B 180 1.44 -3.09 15.54
N VAL B 181 1.11 -2.59 14.24
N VAL B 181 1.17 -2.63 14.31
CA VAL B 181 0.54 -3.53 13.30
CA VAL B 181 0.56 -3.49 13.31
C VAL B 181 0.61 -2.94 11.90
C VAL B 181 0.84 -2.89 11.93
N SER B 182 1.00 -3.76 10.93
CA SER B 182 1.07 -3.37 9.53
C SER B 182 0.09 -4.25 8.76
N TYR B 183 -0.56 -3.67 7.75
CA TYR B 183 -1.56 -4.37 6.97
C TYR B 183 -1.22 -4.33 5.49
N ILE B 184 -1.47 -5.45 4.81
CA ILE B 184 -1.45 -5.50 3.35
C ILE B 184 -2.75 -6.16 2.91
N TRP B 185 -3.54 -5.45 2.10
CA TRP B 185 -4.82 -5.93 1.63
C TRP B 185 -4.74 -6.22 0.13
N THR B 186 -5.19 -7.40 -0.29
CA THR B 186 -5.16 -7.80 -1.69
C THR B 186 -6.60 -8.09 -2.15
N PHE B 187 -7.02 -7.43 -3.22
CA PHE B 187 -8.42 -7.48 -3.66
C PHE B 187 -8.53 -8.37 -4.89
N THR B 188 -9.29 -9.46 -4.78
CA THR B 188 -9.48 -10.36 -5.90
C THR B 188 -10.95 -10.76 -6.00
N ALA B 189 -11.40 -11.04 -7.22
CA ALA B 189 -12.75 -11.54 -7.43
C ALA B 189 -12.74 -12.62 -8.50
N PRO B 190 -13.57 -13.65 -8.36
CA PRO B 190 -13.67 -14.67 -9.41
C PRO B 190 -14.27 -14.07 -10.68
N PRO B 191 -14.09 -14.72 -11.82
N PRO B 191 -14.11 -14.72 -11.82
CA PRO B 191 -14.68 -14.17 -13.06
CA PRO B 191 -14.68 -14.17 -13.06
C PRO B 191 -16.19 -14.02 -12.99
C PRO B 191 -16.19 -14.03 -13.01
N SER B 192 -16.88 -14.90 -12.27
CA SER B 192 -18.32 -14.78 -12.11
C SER B 192 -18.71 -13.51 -11.36
N ARG B 193 -17.80 -12.96 -10.55
CA ARG B 193 -18.11 -11.82 -9.67
C ARG B 193 -19.30 -12.13 -8.78
N ALA B 194 -19.45 -13.40 -8.38
CA ALA B 194 -20.48 -13.79 -7.44
C ALA B 194 -20.18 -13.31 -6.03
N HIS B 195 -18.91 -13.03 -5.74
CA HIS B 195 -18.48 -12.43 -4.48
C HIS B 195 -17.19 -11.68 -4.74
N PHE B 196 -16.70 -11.00 -3.71
CA PHE B 196 -15.54 -10.11 -3.82
C PHE B 196 -14.68 -10.31 -2.59
N ASP B 197 -13.43 -10.71 -2.80
CA ASP B 197 -12.55 -11.09 -1.70
C ASP B 197 -11.52 -10.01 -1.40
N VAL B 198 -11.20 -9.85 -0.12
CA VAL B 198 -10.02 -9.11 0.32
C VAL B 198 -9.24 -10.03 1.24
N VAL B 199 -8.00 -10.32 0.88
CA VAL B 199 -7.10 -11.00 1.81
C VAL B 199 -6.47 -9.96 2.72
N HIS B 200 -6.70 -10.11 4.02
CA HIS B 200 -6.22 -9.20 5.04
C HIS B 200 -4.96 -9.82 5.63
N SER B 201 -3.80 -9.37 5.19
N SER B 201 -3.80 -9.39 5.15
CA SER B 201 -2.52 -9.85 5.70
CA SER B 201 -2.52 -9.82 5.69
C SER B 201 -2.04 -8.87 6.77
C SER B 201 -2.13 -8.86 6.80
N GLN B 202 -1.88 -9.38 7.99
CA GLN B 202 -1.66 -8.54 9.17
C GLN B 202 -0.41 -8.97 9.90
N PHE B 203 0.53 -8.04 10.07
CA PHE B 203 1.74 -8.28 10.86
C PHE B 203 1.57 -7.59 12.21
N LEU B 204 1.38 -8.38 13.26
N LEU B 204 1.41 -8.39 13.27
CA LEU B 204 1.13 -7.87 14.60
CA LEU B 204 1.26 -7.88 14.62
C LEU B 204 2.33 -8.20 15.47
C LEU B 204 2.53 -8.12 15.42
N ARG B 205 2.81 -7.20 16.21
N ARG B 205 2.88 -7.16 16.28
CA ARG B 205 3.98 -7.41 17.07
CA ARG B 205 4.01 -7.36 17.18
C ARG B 205 3.83 -8.67 17.91
C ARG B 205 3.84 -8.65 17.97
N THR B 206 4.90 -9.44 18.02
CA THR B 206 4.88 -10.70 18.74
C THR B 206 5.12 -10.45 20.23
N PRO B 207 4.14 -10.76 21.09
CA PRO B 207 4.35 -10.54 22.53
C PRO B 207 5.54 -11.31 23.05
N ASP B 208 6.28 -10.68 23.97
CA ASP B 208 7.40 -11.30 24.69
C ASP B 208 8.51 -11.75 23.76
N ALA B 209 8.59 -11.17 22.56
CA ALA B 209 9.69 -11.42 21.64
C ALA B 209 10.53 -10.15 21.51
N GLU B 210 11.75 -10.31 21.03
CA GLU B 210 12.62 -9.16 20.87
C GLU B 210 12.04 -8.20 19.84
N ALA B 211 12.38 -6.92 19.99
CA ALA B 211 11.81 -5.88 19.15
C ALA B 211 12.06 -6.20 17.68
N GLY B 212 11.04 -5.96 16.85
CA GLY B 212 11.11 -6.29 15.44
C GLY B 212 10.53 -7.63 15.08
N THR B 213 10.10 -8.43 16.05
CA THR B 213 9.46 -9.70 15.78
C THR B 213 7.97 -9.49 15.58
N TYR B 214 7.43 -10.02 14.49
CA TYR B 214 6.02 -9.90 14.16
C TYR B 214 5.44 -11.27 13.86
N THR B 215 4.14 -11.38 14.06
CA THR B 215 3.38 -12.58 13.73
C THR B 215 2.41 -12.23 12.61
N ARG B 216 2.52 -12.94 11.48
CA ARG B 216 1.63 -12.69 10.36
C ARG B 216 0.41 -13.60 10.45
N THR B 217 -0.78 -13.03 10.33
CA THR B 217 -1.98 -13.80 10.11
C THR B 217 -2.65 -13.29 8.84
N ARG B 218 -3.35 -14.18 8.16
N ARG B 218 -3.36 -14.18 8.16
CA ARG B 218 -4.06 -13.82 6.95
CA ARG B 218 -4.07 -13.83 6.94
C ARG B 218 -5.51 -14.26 7.08
C ARG B 218 -5.51 -14.27 7.07
N GLU B 219 -6.44 -13.35 6.77
CA GLU B 219 -7.87 -13.61 6.88
C GLU B 219 -8.54 -13.22 5.57
N LEU B 220 -9.42 -14.09 5.06
CA LEU B 220 -10.24 -13.77 3.89
C LEU B 220 -11.53 -13.08 4.34
N HIS B 221 -11.73 -11.87 3.83
CA HIS B 221 -13.00 -11.15 4.01
C HIS B 221 -13.75 -11.25 2.68
N ARG B 222 -14.88 -11.95 2.69
CA ARG B 222 -15.64 -12.20 1.47
C ARG B 222 -16.90 -11.34 1.47
N PHE B 223 -16.98 -10.41 0.51
CA PHE B 223 -18.06 -9.43 0.42
C PHE B 223 -19.01 -9.79 -0.71
N HIS B 224 -20.22 -9.26 -0.62
CA HIS B 224 -21.22 -9.46 -1.66
C HIS B 224 -21.77 -8.10 -2.06
N GLU B 225 -22.04 -7.95 -3.36
CA GLU B 225 -22.72 -6.77 -3.87
C GLU B 225 -24.21 -7.07 -3.89
N HIS B 226 -24.97 -6.32 -3.12
CA HIS B 226 -26.43 -6.39 -3.16
C HIS B 226 -26.89 -5.13 -3.87
N THR B 227 -27.40 -5.30 -5.09
CA THR B 227 -27.91 -4.21 -5.90
C THR B 227 -29.15 -3.59 -5.25
N HIS B 228 -29.48 -2.36 -5.68
CA HIS B 228 -30.68 -1.70 -5.16
C HIS B 228 -31.94 -2.49 -5.50
N THR B 229 -32.00 -3.06 -6.71
CA THR B 229 -33.13 -3.89 -7.09
C THR B 229 -33.27 -5.08 -6.14
N SER B 230 -32.17 -5.76 -5.84
N SER B 230 -32.17 -5.74 -5.82
CA SER B 230 -32.22 -6.88 -4.91
CA SER B 230 -32.22 -6.88 -4.91
C SER B 230 -32.66 -6.45 -3.52
C SER B 230 -32.63 -6.47 -3.51
N VAL B 231 -32.13 -5.33 -3.02
CA VAL B 231 -32.48 -4.90 -1.66
C VAL B 231 -33.96 -4.58 -1.58
N ARG B 232 -34.51 -3.91 -2.59
CA ARG B 232 -35.94 -3.60 -2.51
C ARG B 232 -36.78 -4.87 -2.59
N ARG B 233 -36.40 -5.82 -3.44
N ARG B 233 -36.37 -5.82 -3.43
CA ARG B 233 -37.13 -7.08 -3.51
CA ARG B 233 -37.10 -7.09 -3.54
C ARG B 233 -37.10 -7.82 -2.17
C ARG B 233 -37.08 -7.87 -2.23
N LEU B 234 -35.91 -7.93 -1.57
CA LEU B 234 -35.80 -8.67 -0.32
C LEU B 234 -36.44 -7.92 0.83
N ALA B 235 -36.44 -6.58 0.78
CA ALA B 235 -37.16 -5.81 1.79
C ALA B 235 -38.66 -6.05 1.68
N ALA B 236 -39.19 -6.08 0.46
CA ALA B 236 -40.61 -6.38 0.26
C ALA B 236 -40.94 -7.78 0.78
N GLU B 237 -40.10 -8.76 0.46
CA GLU B 237 -40.37 -10.13 0.91
C GLU B 237 -40.36 -10.23 2.43
N ALA B 238 -39.52 -9.43 3.09
CA ALA B 238 -39.41 -9.46 4.55
C ALA B 238 -40.56 -8.73 5.23
N GLY B 239 -41.32 -7.93 4.50
CA GLY B 239 -42.41 -7.20 5.09
C GLY B 239 -42.12 -5.75 5.39
N PHE B 240 -41.12 -5.17 4.73
CA PHE B 240 -40.89 -3.73 4.83
C PHE B 240 -41.71 -3.04 3.74
N SER B 241 -42.40 -1.97 4.11
CA SER B 241 -43.22 -1.24 3.16
C SER B 241 -42.47 -0.12 2.45
N SER B 242 -41.36 0.35 3.02
N SER B 242 -41.37 0.35 2.99
CA SER B 242 -40.53 1.40 2.44
CA SER B 242 -40.55 1.34 2.30
C SER B 242 -39.06 0.99 2.55
C SER B 242 -39.08 1.04 2.55
N ALA B 243 -38.27 1.42 1.57
CA ALA B 243 -36.84 1.15 1.58
C ALA B 243 -36.17 2.19 0.68
N GLU B 244 -35.46 3.15 1.30
CA GLU B 244 -34.78 4.22 0.58
C GLU B 244 -33.27 4.07 0.73
N VAL B 245 -32.53 4.54 -0.28
CA VAL B 245 -31.07 4.43 -0.26
C VAL B 245 -30.47 5.79 -0.60
N HIS B 246 -29.40 6.16 0.14
CA HIS B 246 -28.72 7.43 0.01
C HIS B 246 -27.22 7.18 0.02
N ASP B 247 -26.45 8.19 -0.39
CA ASP B 247 -24.99 8.08 -0.47
C ASP B 247 -24.36 8.28 0.91
N ASN B 248 -23.68 7.24 1.40
CA ASN B 248 -22.75 7.29 2.53
C ASN B 248 -23.20 8.23 3.65
N TRP B 249 -24.35 7.89 4.25
CA TRP B 249 -24.82 8.51 5.49
C TRP B 249 -25.06 10.00 5.34
N THR B 250 -25.49 10.42 4.14
CA THR B 250 -25.94 11.78 3.86
C THR B 250 -27.28 11.70 3.17
N SER B 251 -27.91 12.86 2.98
CA SER B 251 -29.19 12.92 2.27
C SER B 251 -29.03 12.96 0.76
N ARG B 252 -27.80 12.97 0.25
CA ARG B 252 -27.57 12.95 -1.19
C ARG B 252 -28.00 11.60 -1.78
N PRO B 253 -28.43 11.58 -3.03
CA PRO B 253 -28.87 10.31 -3.62
C PRO B 253 -27.69 9.37 -3.86
N SER B 254 -27.97 8.07 -3.80
CA SER B 254 -26.99 7.06 -4.15
C SER B 254 -26.78 7.05 -5.66
N THR B 255 -25.53 6.84 -6.08
CA THR B 255 -25.16 6.82 -7.48
C THR B 255 -24.27 5.61 -7.74
N PRO B 256 -24.11 5.22 -9.00
CA PRO B 256 -23.15 4.15 -9.32
C PRO B 256 -21.73 4.42 -8.83
N GLU B 257 -21.40 5.67 -8.51
CA GLU B 257 -20.08 6.03 -8.00
C GLU B 257 -19.98 5.99 -6.49
N SER B 258 -21.09 5.78 -5.79
CA SER B 258 -21.08 5.74 -4.33
C SER B 258 -20.19 4.63 -3.81
N MET B 259 -19.34 4.97 -2.83
N MET B 259 -19.32 4.97 -2.84
CA MET B 259 -18.53 3.95 -2.17
CA MET B 259 -18.52 3.97 -2.15
C MET B 259 -19.33 3.21 -1.11
C MET B 259 -19.34 3.22 -1.12
N TYR B 260 -20.24 3.90 -0.42
CA TYR B 260 -21.09 3.31 0.60
C TYR B 260 -22.52 3.75 0.36
N ASP B 261 -23.45 2.81 0.51
CA ASP B 261 -24.87 3.08 0.41
C ASP B 261 -25.51 2.92 1.78
N THR B 262 -26.39 3.85 2.13
CA THR B 262 -27.08 3.80 3.42
C THR B 262 -28.56 3.55 3.16
N TRP B 263 -29.09 2.47 3.73
CA TRP B 263 -30.48 2.07 3.53
C TRP B 263 -31.32 2.42 4.75
N THR B 264 -32.53 2.94 4.49
CA THR B 264 -33.50 3.23 5.54
C THR B 264 -34.79 2.49 5.21
N LEU B 265 -35.11 1.47 6.01
CA LEU B 265 -36.26 0.61 5.80
C LEU B 265 -37.31 0.84 6.89
N THR B 266 -38.58 0.74 6.52
CA THR B 266 -39.68 0.91 7.46
C THR B 266 -40.59 -0.32 7.36
N ARG B 267 -40.91 -0.90 8.52
N ARG B 267 -40.91 -0.92 8.51
CA ARG B 267 -41.72 -2.11 8.52
CA ARG B 267 -41.72 -2.12 8.51
C ARG B 267 -43.17 -1.80 8.15
C ARG B 267 -43.16 -1.81 8.16
N GLY B 268 -43.77 -2.68 7.35
CA GLY B 268 -45.14 -2.49 6.92
C GLY B 268 -46.13 -2.96 7.97
N VAL B 269 -47.41 -2.74 7.66
N VAL B 269 -47.40 -2.72 7.69
CA VAL B 269 -48.53 -3.12 8.51
CA VAL B 269 -48.45 -3.15 8.60
C VAL B 269 -48.95 -4.55 8.18
C VAL B 269 -48.88 -4.56 8.20
N LEU B 270 -49.23 -5.34 9.22
CA LEU B 270 -49.77 -6.69 9.01
C LEU B 270 -51.28 -6.69 9.24
N GLU B 271 -52.00 -7.36 8.34
#